data_3GAQ
#
_entry.id   3GAQ
#
_cell.length_a   57.963
_cell.length_b   56.610
_cell.length_c   63.801
_cell.angle_alpha   90.00
_cell.angle_beta   107.08
_cell.angle_gamma   90.00
#
_symmetry.space_group_name_H-M   'P 1 21 1'
#
loop_
_entity.id
_entity.type
_entity.pdbx_description
1 polymer 'Female-specific histamine-binding protein 2'
2 water water
#
_entity_poly.entity_id   1
_entity_poly.type   'polypeptide(L)'
_entity_poly.pdbx_seq_one_letter_code
;ANQPDWADEAANGAHQDAWKSLKARVENVYYMVKATYKNDPVWGNDFTCVGVMANDVNEDEKSIQAEFLFMNNADTNMQF
ATEKVTAVKMYGYNRENAFRYETEDGQVFTDVIAYSDDNCDVIYVPGTDGNEEGYELWTTDYDNIPANCLNKFNEYAVGR
ETRDVFTSACLE
;
_entity_poly.pdbx_strand_id   A,B
#
# COMPACT_ATOMS: atom_id res chain seq x y z
N ALA A 1 32.71 0.00 1.86
CA ALA A 1 31.93 -0.73 2.91
C ALA A 1 31.02 -1.83 2.31
N ASN A 2 30.68 -1.68 1.04
CA ASN A 2 29.79 -2.64 0.37
C ASN A 2 28.40 -2.75 1.01
N GLN A 3 27.71 -1.62 1.06
CA GLN A 3 26.42 -1.52 1.73
C GLN A 3 25.47 -0.60 0.93
N PRO A 4 24.17 -0.71 1.19
CA PRO A 4 23.19 0.07 0.44
C PRO A 4 23.19 1.54 0.84
N ASP A 5 22.80 2.42 -0.07
CA ASP A 5 22.91 3.86 0.20
C ASP A 5 22.08 4.23 1.39
N TRP A 6 21.06 3.40 1.70
CA TRP A 6 20.18 3.69 2.83
C TRP A 6 20.79 3.37 4.19
N ALA A 7 21.85 2.55 4.22
CA ALA A 7 22.56 2.31 5.49
C ALA A 7 23.39 3.55 5.78
N ASP A 8 22.75 4.53 6.39
CA ASP A 8 23.40 5.82 6.65
C ASP A 8 22.81 6.30 7.93
N GLU A 9 23.52 6.01 9.01
CA GLU A 9 23.03 6.33 10.36
C GLU A 9 22.73 7.81 10.65
N ALA A 10 23.60 8.71 10.19
CA ALA A 10 23.39 10.16 10.43
C ALA A 10 22.08 10.59 9.77
N ALA A 11 21.89 10.18 8.53
CA ALA A 11 20.65 10.49 7.80
C ALA A 11 19.41 9.71 8.30
N ASN A 12 19.51 8.39 8.46
CA ASN A 12 18.31 7.54 8.62
C ASN A 12 18.05 6.86 9.98
N GLY A 13 18.99 6.93 10.90
CA GLY A 13 18.97 6.17 12.16
C GLY A 13 17.75 6.30 13.05
N ALA A 14 17.11 7.47 13.01
CA ALA A 14 15.91 7.70 13.79
C ALA A 14 14.75 6.84 13.28
N HIS A 15 14.88 6.31 12.07
CA HIS A 15 13.86 5.41 11.51
C HIS A 15 14.42 3.96 11.28
N GLN A 16 15.46 3.62 12.03
CA GLN A 16 16.10 2.33 11.89
C GLN A 16 16.40 1.73 13.26
N ASP A 17 15.44 1.83 14.15
CA ASP A 17 15.64 1.43 15.52
C ASP A 17 15.10 0.00 15.74
N ALA A 18 15.97 -0.99 15.59
CA ALA A 18 15.62 -2.41 15.75
C ALA A 18 15.10 -2.77 17.15
N TRP A 19 15.72 -2.23 18.20
CA TRP A 19 15.29 -2.65 19.52
C TRP A 19 13.86 -2.21 19.71
N LYS A 20 13.56 -0.97 19.31
CA LYS A 20 12.18 -0.51 19.44
C LYS A 20 11.26 -1.34 18.55
N SER A 21 11.76 -1.77 17.41
CA SER A 21 10.96 -2.61 16.53
C SER A 21 10.70 -4.01 17.14
N LEU A 22 11.72 -4.65 17.74
CA LEU A 22 11.50 -5.96 18.37
C LEU A 22 10.42 -5.90 19.41
N LYS A 23 10.45 -4.85 20.23
CA LYS A 23 9.51 -4.72 21.35
C LYS A 23 8.09 -4.39 20.91
N ALA A 24 7.95 -3.68 19.80
CA ALA A 24 6.62 -3.44 19.22
C ALA A 24 5.90 -4.78 18.99
N ARG A 25 6.65 -5.79 18.57
CA ARG A 25 6.11 -7.12 18.32
C ARG A 25 5.55 -7.82 19.58
N VAL A 26 5.91 -7.33 20.76
CA VAL A 26 5.37 -7.88 22.00
C VAL A 26 3.93 -7.43 22.22
N GLU A 27 3.67 -6.15 21.94
CA GLU A 27 2.32 -5.59 22.10
C GLU A 27 1.38 -5.85 20.93
N ASN A 28 1.90 -6.09 19.73
CA ASN A 28 1.06 -6.35 18.55
C ASN A 28 1.67 -7.41 17.67
N VAL A 29 0.82 -8.25 17.08
CA VAL A 29 1.22 -9.15 15.98
C VAL A 29 1.71 -8.40 14.76
N TYR A 30 2.84 -8.84 14.19
CA TYR A 30 3.36 -8.31 12.93
C TYR A 30 3.21 -9.36 11.82
N TYR A 31 2.86 -8.91 10.61
CA TYR A 31 2.70 -9.82 9.47
C TYR A 31 3.65 -9.40 8.33
N MET A 32 4.27 -10.34 7.62
CA MET A 32 5.04 -9.97 6.42
C MET A 32 4.13 -9.93 5.19
N VAL A 33 3.71 -8.74 4.79
CA VAL A 33 2.76 -8.62 3.68
C VAL A 33 3.42 -8.86 2.34
N LYS A 34 4.60 -8.31 2.11
CA LYS A 34 5.28 -8.49 0.84
C LYS A 34 6.77 -8.80 0.98
N ALA A 35 7.35 -9.42 -0.05
CA ALA A 35 8.77 -9.63 -0.14
C ALA A 35 9.14 -9.60 -1.57
N THR A 36 10.44 -9.61 -1.86
CA THR A 36 10.90 -9.62 -3.24
C THR A 36 11.64 -10.90 -3.64
N TYR A 37 11.70 -11.87 -2.73
CA TYR A 37 12.45 -13.12 -2.92
C TYR A 37 11.56 -14.28 -2.42
N LYS A 38 11.91 -15.53 -2.76
CA LYS A 38 11.05 -16.69 -2.38
C LYS A 38 11.67 -17.82 -1.53
N ASN A 39 13.00 -17.85 -1.39
CA ASN A 39 13.66 -18.86 -0.58
C ASN A 39 14.48 -18.24 0.55
N ASP A 40 14.11 -18.53 1.79
CA ASP A 40 14.88 -18.12 2.97
C ASP A 40 15.19 -19.32 3.91
N PRO A 41 16.38 -19.31 4.57
CA PRO A 41 16.74 -20.38 5.52
C PRO A 41 15.90 -20.36 6.76
N VAL A 42 15.27 -19.23 7.05
CA VAL A 42 14.45 -19.16 8.24
C VAL A 42 12.99 -19.43 7.86
N TRP A 43 12.51 -18.78 6.80
CA TRP A 43 11.09 -18.94 6.44
C TRP A 43 10.89 -20.31 5.77
N GLY A 44 11.82 -20.67 4.89
CA GLY A 44 11.73 -21.88 4.13
C GLY A 44 11.75 -21.56 2.64
N ASN A 45 11.59 -22.61 1.84
CA ASN A 45 11.47 -22.47 0.39
C ASN A 45 10.04 -22.14 0.02
N ASP A 46 9.89 -21.26 -0.95
CA ASP A 46 8.58 -20.82 -1.41
C ASP A 46 7.70 -20.44 -0.24
N PHE A 47 8.14 -19.47 0.55
CA PHE A 47 7.41 -19.12 1.78
C PHE A 47 6.32 -18.08 1.57
N THR A 48 5.29 -18.20 2.39
CA THR A 48 4.12 -17.37 2.36
C THR A 48 3.63 -17.29 3.80
N CYS A 49 2.72 -16.34 4.07
CA CYS A 49 1.96 -16.28 5.31
C CYS A 49 2.81 -16.16 6.61
N VAL A 50 3.91 -15.42 6.55
CA VAL A 50 4.76 -15.25 7.72
C VAL A 50 4.31 -14.11 8.61
N GLY A 51 4.22 -14.37 9.89
CA GLY A 51 3.84 -13.37 10.90
C GLY A 51 4.52 -13.73 12.21
N VAL A 52 4.44 -12.85 13.19
CA VAL A 52 5.22 -13.07 14.39
C VAL A 52 4.54 -12.45 15.58
N MET A 53 4.83 -12.98 16.75
CA MET A 53 4.48 -12.36 18.02
C MET A 53 5.55 -12.71 19.06
N ALA A 54 5.74 -11.82 20.02
CA ALA A 54 6.96 -11.79 20.78
C ALA A 54 6.70 -11.72 22.26
N ASN A 55 7.69 -12.16 23.03
CA ASN A 55 7.59 -12.22 24.47
C ASN A 55 9.01 -12.31 25.04
N ASP A 56 9.09 -12.32 26.36
CA ASP A 56 10.34 -12.58 27.05
C ASP A 56 11.31 -11.47 26.75
N VAL A 57 10.84 -10.24 26.96
CA VAL A 57 11.63 -9.04 26.74
C VAL A 57 12.85 -9.07 27.64
N ASN A 58 14.05 -9.02 27.07
CA ASN A 58 15.25 -8.98 27.89
C ASN A 58 16.07 -7.73 27.58
N GLU A 59 15.96 -6.70 28.41
CA GLU A 59 16.61 -5.40 28.07
C GLU A 59 18.11 -5.50 28.00
N ASP A 60 18.69 -6.30 28.91
CA ASP A 60 20.12 -6.46 28.95
C ASP A 60 20.65 -7.03 27.66
N GLU A 61 20.01 -8.09 27.17
CA GLU A 61 20.45 -8.69 25.90
C GLU A 61 19.86 -8.00 24.65
N LYS A 62 18.82 -7.19 24.82
CA LYS A 62 18.06 -6.68 23.66
C LYS A 62 17.55 -7.82 22.77
N SER A 63 16.88 -8.78 23.39
CA SER A 63 16.47 -9.98 22.72
C SER A 63 15.03 -10.22 23.11
N ILE A 64 14.32 -10.97 22.29
CA ILE A 64 12.98 -11.47 22.65
C ILE A 64 12.85 -12.92 22.22
N GLN A 65 11.79 -13.59 22.65
CA GLN A 65 11.44 -14.89 22.05
C GLN A 65 10.30 -14.64 21.08
N ALA A 66 10.49 -15.08 19.85
CA ALA A 66 9.53 -14.86 18.81
C ALA A 66 8.85 -16.16 18.48
N GLU A 67 7.54 -16.10 18.36
CA GLU A 67 6.75 -17.20 17.84
C GLU A 67 6.26 -16.86 16.44
N PHE A 68 6.70 -17.64 15.46
CA PHE A 68 6.32 -17.42 14.09
C PHE A 68 5.18 -18.34 13.65
N LEU A 69 4.35 -17.84 12.75
CA LEU A 69 3.53 -18.70 11.92
C LEU A 69 4.05 -18.47 10.53
N PHE A 70 3.90 -19.46 9.65
CA PHE A 70 4.48 -19.39 8.34
C PHE A 70 4.14 -20.62 7.56
N MET A 71 4.31 -20.53 6.25
CA MET A 71 3.95 -21.59 5.35
C MET A 71 5.09 -21.71 4.34
N ASN A 72 5.52 -22.94 4.09
CA ASN A 72 6.52 -23.20 3.06
C ASN A 72 6.30 -24.60 2.48
N ASN A 73 7.18 -25.05 1.61
CA ASN A 73 6.93 -26.31 0.89
C ASN A 73 7.22 -27.57 1.74
N ALA A 74 7.57 -27.38 3.01
CA ALA A 74 7.85 -28.51 3.88
C ALA A 74 6.56 -29.14 4.38
N ASP A 75 5.44 -28.43 4.21
CA ASP A 75 4.15 -28.89 4.70
C ASP A 75 3.00 -28.09 4.05
N THR A 76 1.82 -28.70 4.00
CA THR A 76 0.68 -28.13 3.30
C THR A 76 -0.04 -27.05 4.11
N ASN A 77 -0.03 -27.18 5.44
CA ASN A 77 -0.75 -26.25 6.29
C ASN A 77 0.17 -25.33 7.08
N MET A 78 -0.44 -24.48 7.91
CA MET A 78 0.28 -23.55 8.76
C MET A 78 1.22 -24.26 9.73
N GLN A 79 2.43 -23.72 9.84
CA GLN A 79 3.43 -24.24 10.75
C GLN A 79 3.76 -23.18 11.78
N PHE A 80 4.27 -23.64 12.91
CA PHE A 80 4.67 -22.74 13.97
C PHE A 80 6.09 -23.05 14.34
N ALA A 81 6.69 -22.13 15.09
CA ALA A 81 8.08 -22.21 15.47
C ALA A 81 8.33 -21.26 16.61
N THR A 82 9.47 -21.42 17.26
CA THR A 82 9.91 -20.47 18.27
C THR A 82 11.39 -20.19 18.00
N GLU A 83 11.77 -18.92 17.93
CA GLU A 83 13.18 -18.53 17.83
C GLU A 83 13.49 -17.30 18.66
N LYS A 84 14.77 -17.15 18.99
CA LYS A 84 15.28 -15.98 19.67
C LYS A 84 15.66 -14.96 18.61
N VAL A 85 15.34 -13.69 18.87
CA VAL A 85 15.80 -12.62 18.00
C VAL A 85 16.44 -11.54 18.83
N THR A 86 17.59 -11.07 18.37
CA THR A 86 18.35 -10.06 19.12
C THR A 86 18.63 -8.86 18.24
N ALA A 87 18.35 -7.67 18.73
CA ALA A 87 18.77 -6.42 18.05
C ALA A 87 20.29 -6.24 18.09
N VAL A 88 20.93 -6.26 16.91
CA VAL A 88 22.39 -6.08 16.77
C VAL A 88 22.72 -4.94 15.82
N LYS A 89 24.02 -4.63 15.73
CA LYS A 89 24.53 -3.51 14.93
C LYS A 89 25.18 -4.01 13.65
N MET A 90 24.88 -3.37 12.51
CA MET A 90 25.45 -3.73 11.22
C MET A 90 25.86 -2.46 10.49
N TYR A 91 26.75 -2.58 9.52
CA TYR A 91 27.14 -1.47 8.63
C TYR A 91 27.68 -0.26 9.39
N GLY A 92 28.35 -0.54 10.50
CA GLY A 92 29.04 0.50 11.23
C GLY A 92 28.15 1.43 12.03
N TYR A 93 27.04 0.91 12.55
CA TYR A 93 26.08 1.72 13.31
C TYR A 93 26.43 1.78 14.79
N ASN A 94 26.17 2.93 15.42
CA ASN A 94 26.31 3.07 16.86
C ASN A 94 25.13 2.40 17.57
N ARG A 95 23.97 2.39 16.91
CA ARG A 95 22.73 2.02 17.58
C ARG A 95 22.02 0.90 16.84
N GLU A 96 21.59 -0.10 17.59
CA GLU A 96 21.14 -1.36 17.03
C GLU A 96 20.14 -1.12 15.89
N ASN A 97 20.47 -1.67 14.73
CA ASN A 97 19.69 -1.51 13.52
C ASN A 97 19.46 -2.83 12.76
N ALA A 98 19.63 -3.98 13.43
CA ALA A 98 19.61 -5.28 12.74
C ALA A 98 19.00 -6.40 13.59
N PHE A 99 18.44 -7.39 12.90
CA PHE A 99 17.73 -8.51 13.54
C PHE A 99 18.58 -9.74 13.39
N ARG A 100 19.08 -10.25 14.52
CA ARG A 100 19.83 -11.49 14.53
C ARG A 100 18.90 -12.63 14.97
N TYR A 101 18.48 -13.47 14.03
CA TYR A 101 17.68 -14.64 14.37
C TYR A 101 18.58 -15.77 14.84
N GLU A 102 18.28 -16.37 15.98
CA GLU A 102 19.07 -17.52 16.42
C GLU A 102 18.24 -18.77 16.63
N THR A 103 18.65 -19.84 15.95
CA THR A 103 18.05 -21.16 16.15
C THR A 103 18.58 -21.84 17.43
N GLU A 104 17.75 -22.68 18.02
CA GLU A 104 18.11 -23.46 19.20
C GLU A 104 19.51 -24.07 19.15
N ASP A 105 19.91 -24.62 18.00
CA ASP A 105 21.24 -25.24 17.87
C ASP A 105 22.35 -24.28 17.42
N GLY A 106 22.08 -22.98 17.46
CA GLY A 106 23.13 -21.97 17.30
C GLY A 106 23.36 -21.45 15.90
N GLN A 107 22.40 -21.68 15.00
CA GLN A 107 22.49 -21.09 13.68
C GLN A 107 22.04 -19.64 13.78
N VAL A 108 22.77 -18.75 13.10
CA VAL A 108 22.51 -17.33 13.20
C VAL A 108 22.35 -16.74 11.79
N PHE A 109 21.45 -15.78 11.68
CA PHE A 109 21.07 -15.21 10.41
C PHE A 109 20.69 -13.78 10.73
N THR A 110 21.24 -12.81 9.98
CA THR A 110 21.06 -11.40 10.35
C THR A 110 20.53 -10.55 9.20
N ASP A 111 19.39 -9.92 9.47
CA ASP A 111 18.73 -9.01 8.56
C ASP A 111 18.78 -7.59 9.13
N VAL A 112 18.73 -6.59 8.27
CA VAL A 112 18.92 -5.20 8.67
C VAL A 112 17.65 -4.39 8.46
N ILE A 113 17.27 -3.56 9.42
CA ILE A 113 16.15 -2.65 9.19
C ILE A 113 16.64 -1.55 8.27
N ALA A 114 15.93 -1.34 7.17
CA ALA A 114 16.18 -0.25 6.23
C ALA A 114 15.37 0.98 6.62
N TYR A 115 14.17 0.73 7.17
CA TYR A 115 13.27 1.79 7.54
C TYR A 115 12.19 1.25 8.43
N SER A 116 11.77 2.03 9.41
CA SER A 116 10.71 1.61 10.32
C SER A 116 9.86 2.76 10.86
N ASP A 117 8.58 2.47 11.09
CA ASP A 117 7.69 3.39 11.78
C ASP A 117 6.93 2.55 12.78
N ASP A 118 6.04 3.17 13.53
CA ASP A 118 5.42 2.54 14.68
C ASP A 118 4.61 1.30 14.37
N ASN A 119 4.21 1.15 13.12
CA ASN A 119 3.37 0.03 12.78
C ASN A 119 3.86 -0.73 11.57
N CYS A 120 5.10 -0.48 11.15
CA CYS A 120 5.67 -1.17 10.01
C CYS A 120 7.20 -1.11 9.94
N ASP A 121 7.76 -2.05 9.18
CA ASP A 121 9.19 -2.09 8.93
C ASP A 121 9.42 -2.47 7.51
N VAL A 122 10.56 -2.05 6.97
CA VAL A 122 11.11 -2.56 5.76
C VAL A 122 12.44 -3.19 6.19
N ILE A 123 12.66 -4.46 5.80
CA ILE A 123 13.76 -5.25 6.32
C ILE A 123 14.54 -5.82 5.16
N TYR A 124 15.85 -5.69 5.26
CA TYR A 124 16.76 -6.05 4.19
C TYR A 124 17.42 -7.36 4.55
N VAL A 125 17.60 -8.19 3.54
CA VAL A 125 18.12 -9.54 3.73
C VAL A 125 19.28 -9.65 2.78
N PRO A 126 20.51 -9.39 3.31
CA PRO A 126 21.77 -9.33 2.59
C PRO A 126 22.04 -10.54 1.70
N GLY A 127 21.64 -11.72 2.17
CA GLY A 127 21.83 -12.92 1.36
C GLY A 127 23.31 -13.19 1.12
N THR A 128 23.95 -13.68 2.17
CA THR A 128 25.31 -14.16 2.08
C THR A 128 25.29 -15.65 2.44
N ASP A 129 26.37 -16.35 2.09
CA ASP A 129 26.44 -17.83 2.07
C ASP A 129 25.66 -18.37 0.88
N GLY A 130 25.51 -17.55 -0.16
CA GLY A 130 24.84 -17.97 -1.39
C GLY A 130 23.31 -17.87 -1.33
N ASN A 131 22.79 -17.30 -0.25
CA ASN A 131 21.35 -17.12 -0.09
C ASN A 131 20.80 -16.03 -1.01
N GLU A 132 19.49 -15.89 -1.04
CA GLU A 132 18.81 -14.90 -1.88
C GLU A 132 18.80 -13.50 -1.26
N GLU A 133 19.32 -12.49 -1.98
CA GLU A 133 19.18 -11.10 -1.53
C GLU A 133 17.79 -10.55 -1.88
N GLY A 134 17.16 -9.89 -0.91
CA GLY A 134 15.88 -9.22 -1.15
C GLY A 134 15.42 -8.34 0.00
N TYR A 135 14.15 -7.91 -0.08
CA TYR A 135 13.58 -6.98 0.87
C TYR A 135 12.27 -7.55 1.40
N GLU A 136 11.92 -7.17 2.63
CA GLU A 136 10.69 -7.60 3.25
C GLU A 136 9.86 -6.37 3.68
N LEU A 137 8.54 -6.55 3.80
CA LEU A 137 7.65 -5.52 4.36
C LEU A 137 6.66 -6.08 5.40
N TRP A 138 6.61 -5.43 6.56
CA TRP A 138 5.84 -5.92 7.69
C TRP A 138 4.93 -4.85 8.24
N THR A 139 3.77 -5.23 8.74
CA THR A 139 2.87 -4.27 9.33
C THR A 139 2.01 -4.95 10.40
N THR A 140 1.35 -4.16 11.26
CA THR A 140 0.48 -4.73 12.27
C THR A 140 -0.96 -5.10 11.80
N ASP A 141 -1.24 -4.99 10.50
CA ASP A 141 -2.57 -5.26 9.96
C ASP A 141 -2.37 -5.67 8.50
N TYR A 142 -2.55 -6.95 8.20
CA TYR A 142 -2.32 -7.42 6.85
C TYR A 142 -3.28 -6.80 5.81
N ASP A 143 -4.41 -6.23 6.23
CA ASP A 143 -5.36 -5.62 5.29
C ASP A 143 -4.98 -4.18 4.91
N ASN A 144 -4.14 -3.54 5.73
CA ASN A 144 -3.79 -2.13 5.62
C ASN A 144 -2.30 -1.85 5.69
N ILE A 145 -1.73 -1.42 4.58
CA ILE A 145 -0.32 -1.12 4.48
C ILE A 145 -0.05 0.35 4.72
N PRO A 146 0.79 0.67 5.72
CA PRO A 146 1.16 2.09 5.94
C PRO A 146 1.96 2.62 4.76
N ALA A 147 1.60 3.82 4.25
CA ALA A 147 2.22 4.35 3.04
C ALA A 147 3.73 4.66 3.17
N ASN A 148 4.19 5.22 4.28
CA ASN A 148 5.63 5.49 4.39
C ASN A 148 6.48 4.23 4.18
N CYS A 149 6.07 3.12 4.78
CA CYS A 149 6.84 1.88 4.66
C CYS A 149 6.76 1.34 3.27
N LEU A 150 5.56 1.43 2.67
CA LEU A 150 5.38 0.96 1.30
C LEU A 150 6.28 1.75 0.36
N ASN A 151 6.17 3.08 0.43
CA ASN A 151 7.05 4.00 -0.31
C ASN A 151 8.52 3.63 -0.16
N LYS A 152 8.99 3.50 1.06
CA LYS A 152 10.40 3.12 1.25
C LYS A 152 10.69 1.72 0.68
N PHE A 153 9.78 0.80 0.88
CA PHE A 153 9.96 -0.55 0.36
C PHE A 153 10.05 -0.52 -1.19
N ASN A 154 9.08 0.09 -1.86
CA ASN A 154 9.22 0.12 -3.33
C ASN A 154 10.52 0.80 -3.77
N GLU A 155 10.93 1.85 -3.09
CA GLU A 155 12.16 2.58 -3.48
C GLU A 155 13.40 1.70 -3.35
N TYR A 156 13.63 1.18 -2.14
CA TYR A 156 14.80 0.35 -1.88
C TYR A 156 14.79 -0.99 -2.64
N ALA A 157 13.61 -1.53 -2.94
CA ALA A 157 13.52 -2.78 -3.69
C ALA A 157 13.46 -2.53 -5.20
N VAL A 158 13.90 -1.35 -5.63
CA VAL A 158 13.80 -0.98 -7.03
C VAL A 158 14.54 -2.03 -7.84
N GLY A 159 13.99 -2.33 -9.01
CA GLY A 159 14.58 -3.31 -9.91
C GLY A 159 14.27 -4.75 -9.55
N ARG A 160 13.50 -4.95 -8.47
CA ARG A 160 13.17 -6.30 -8.03
C ARG A 160 11.67 -6.52 -8.21
N GLU A 161 11.28 -7.76 -8.42
CA GLU A 161 9.86 -8.06 -8.54
C GLU A 161 9.25 -8.43 -7.19
N THR A 162 8.10 -7.84 -6.92
CA THR A 162 7.44 -7.92 -5.65
C THR A 162 6.43 -9.05 -5.67
N ARG A 163 6.08 -9.59 -4.50
CA ARG A 163 5.09 -10.66 -4.40
C ARG A 163 4.44 -10.61 -3.04
N ASP A 164 3.22 -11.09 -2.94
CA ASP A 164 2.49 -11.08 -1.68
C ASP A 164 3.04 -12.19 -0.79
N VAL A 165 2.98 -11.96 0.53
CA VAL A 165 3.42 -12.95 1.53
C VAL A 165 2.31 -13.35 2.52
N PHE A 166 1.93 -12.43 3.42
CA PHE A 166 0.76 -12.66 4.28
C PHE A 166 -0.43 -11.79 3.84
N THR A 167 -1.42 -12.46 3.25
CA THR A 167 -2.69 -11.83 2.91
C THR A 167 -3.82 -12.48 3.70
N SER A 168 -4.99 -11.83 3.68
CA SER A 168 -6.19 -12.35 4.36
C SER A 168 -6.43 -13.86 4.11
N ALA A 169 -6.12 -14.32 2.91
CA ALA A 169 -6.35 -15.72 2.54
C ALA A 169 -5.63 -16.70 3.46
N CYS A 170 -4.64 -16.20 4.21
CA CYS A 170 -3.84 -17.05 5.08
C CYS A 170 -4.65 -17.57 6.23
N LEU A 171 -5.58 -16.77 6.71
CA LEU A 171 -6.46 -17.19 7.80
C LEU A 171 -7.88 -17.48 7.26
N GLU A 172 -7.94 -17.99 6.04
CA GLU A 172 -9.19 -18.24 5.32
C GLU A 172 -10.27 -17.26 5.75
N ALA B 1 -16.98 -5.66 -27.72
CA ALA B 1 -16.76 -4.49 -26.82
C ALA B 1 -15.28 -4.12 -26.75
N ASN B 2 -15.03 -2.82 -26.78
CA ASN B 2 -13.68 -2.34 -26.62
C ASN B 2 -13.66 -1.94 -25.18
N GLN B 3 -13.08 -2.79 -24.36
CA GLN B 3 -13.11 -2.52 -22.93
C GLN B 3 -12.06 -3.39 -22.20
N PRO B 4 -11.74 -3.06 -20.94
CA PRO B 4 -10.72 -3.82 -20.22
C PRO B 4 -11.25 -5.10 -19.61
N ASP B 5 -10.38 -6.09 -19.46
CA ASP B 5 -10.78 -7.43 -19.02
C ASP B 5 -11.57 -7.40 -17.73
N TRP B 6 -11.34 -6.38 -16.89
CA TRP B 6 -12.03 -6.28 -15.61
C TRP B 6 -13.47 -5.73 -15.68
N ALA B 7 -13.82 -5.03 -16.76
CA ALA B 7 -15.20 -4.58 -16.92
C ALA B 7 -16.01 -5.83 -17.23
N ASP B 8 -16.33 -6.58 -16.20
CA ASP B 8 -17.01 -7.87 -16.32
C ASP B 8 -18.01 -7.95 -15.18
N GLU B 9 -19.22 -7.47 -15.44
CA GLU B 9 -20.21 -7.36 -14.37
C GLU B 9 -20.53 -8.68 -13.64
N ALA B 10 -20.62 -9.79 -14.37
CA ALA B 10 -20.95 -11.08 -13.76
C ALA B 10 -19.85 -11.42 -12.76
N ALA B 11 -18.60 -11.44 -13.21
CA ALA B 11 -17.48 -11.77 -12.33
C ALA B 11 -17.09 -10.70 -11.30
N ASN B 12 -17.34 -9.41 -11.56
CA ASN B 12 -16.76 -8.33 -10.70
C ASN B 12 -17.70 -7.27 -10.17
N GLY B 13 -18.99 -7.41 -10.48
CA GLY B 13 -19.96 -6.32 -10.28
C GLY B 13 -20.25 -5.98 -8.84
N ALA B 14 -20.16 -7.01 -8.01
CA ALA B 14 -20.31 -6.91 -6.56
C ALA B 14 -19.35 -5.90 -5.97
N HIS B 15 -18.19 -5.75 -6.59
CA HIS B 15 -17.17 -4.79 -6.14
C HIS B 15 -17.04 -3.55 -7.06
N GLN B 16 -18.09 -3.23 -7.84
CA GLN B 16 -18.02 -2.07 -8.70
C GLN B 16 -19.32 -1.29 -8.57
N ASP B 17 -19.72 -1.08 -7.32
CA ASP B 17 -20.92 -0.32 -7.02
C ASP B 17 -20.60 1.19 -6.85
N ALA B 18 -20.69 1.92 -7.95
CA ALA B 18 -20.35 3.34 -8.03
C ALA B 18 -21.24 4.26 -7.18
N TRP B 19 -22.54 3.98 -7.09
CA TRP B 19 -23.41 4.83 -6.28
C TRP B 19 -23.16 4.72 -4.76
N LYS B 20 -22.82 3.53 -4.27
CA LYS B 20 -22.42 3.37 -2.88
C LYS B 20 -21.07 4.06 -2.64
N SER B 21 -20.19 3.96 -3.61
CA SER B 21 -18.92 4.66 -3.53
C SER B 21 -19.14 6.17 -3.44
N LEU B 22 -20.04 6.72 -4.27
CA LEU B 22 -20.29 8.18 -4.26
C LEU B 22 -20.80 8.67 -2.93
N LYS B 23 -21.82 8.01 -2.42
CA LYS B 23 -22.44 8.36 -1.14
C LYS B 23 -21.50 8.19 0.03
N ALA B 24 -20.52 7.30 -0.11
CA ALA B 24 -19.56 7.07 0.97
C ALA B 24 -18.73 8.34 1.20
N ARG B 25 -18.62 9.15 0.15
CA ARG B 25 -17.78 10.34 0.16
C ARG B 25 -18.42 11.48 0.96
N VAL B 26 -19.68 11.32 1.36
CA VAL B 26 -20.35 12.36 2.13
C VAL B 26 -20.20 12.14 3.61
N GLU B 27 -19.73 10.97 4.02
CA GLU B 27 -19.44 10.72 5.43
C GLU B 27 -17.96 10.86 5.73
N ASN B 28 -17.11 10.45 4.79
CA ASN B 28 -15.66 10.55 4.96
C ASN B 28 -14.99 11.11 3.73
N VAL B 29 -13.94 11.91 3.94
CA VAL B 29 -13.14 12.44 2.84
C VAL B 29 -12.37 11.31 2.20
N TYR B 30 -12.32 11.30 0.87
CA TYR B 30 -11.46 10.41 0.10
C TYR B 30 -10.30 11.20 -0.51
N TYR B 31 -9.11 10.60 -0.51
CA TYR B 31 -7.92 11.22 -1.09
C TYR B 31 -7.46 10.34 -2.24
N MET B 32 -6.92 10.91 -3.30
CA MET B 32 -6.26 10.10 -4.32
C MET B 32 -4.78 9.95 -4.00
N VAL B 33 -4.40 8.77 -3.49
CA VAL B 33 -3.05 8.55 -3.01
C VAL B 33 -2.08 8.36 -4.17
N LYS B 34 -2.49 7.63 -5.20
CA LYS B 34 -1.62 7.35 -6.34
C LYS B 34 -2.35 7.41 -7.71
N ALA B 35 -1.57 7.59 -8.77
CA ALA B 35 -2.08 7.47 -10.10
C ALA B 35 -0.96 7.06 -11.02
N THR B 36 -1.30 6.78 -12.27
CA THR B 36 -0.29 6.38 -13.25
C THR B 36 -0.14 7.33 -14.42
N TYR B 37 -0.75 8.50 -14.35
CA TYR B 37 -0.62 9.50 -15.40
C TYR B 37 -0.50 10.92 -14.80
N LYS B 38 -0.09 11.88 -15.61
CA LYS B 38 0.28 13.26 -15.17
C LYS B 38 -0.75 14.39 -15.44
N ASN B 39 -1.52 14.25 -16.52
CA ASN B 39 -2.40 15.32 -16.98
C ASN B 39 -3.86 14.89 -17.10
N ASP B 40 -4.76 15.65 -16.47
CA ASP B 40 -6.18 15.39 -16.58
C ASP B 40 -6.97 16.66 -16.89
N PRO B 41 -8.04 16.55 -17.71
CA PRO B 41 -8.84 17.74 -17.99
C PRO B 41 -9.54 18.21 -16.76
N VAL B 42 -9.70 17.32 -15.79
CA VAL B 42 -10.42 17.69 -14.57
C VAL B 42 -9.46 18.06 -13.42
N TRP B 43 -8.41 17.28 -13.17
CA TRP B 43 -7.52 17.57 -12.02
C TRP B 43 -6.52 18.68 -12.37
N GLY B 44 -6.17 18.74 -13.65
CA GLY B 44 -5.25 19.71 -14.19
C GLY B 44 -4.02 19.04 -14.77
N ASN B 45 -3.13 19.87 -15.29
CA ASN B 45 -1.81 19.43 -15.71
C ASN B 45 -0.96 19.26 -14.47
N ASP B 46 -0.09 18.25 -14.49
CA ASP B 46 0.80 17.92 -13.37
C ASP B 46 0.10 18.00 -12.02
N PHE B 47 -0.95 17.19 -11.82
CA PHE B 47 -1.77 17.24 -10.61
C PHE B 47 -1.21 16.45 -9.43
N THR B 48 -1.48 16.95 -8.23
CA THR B 48 -1.15 16.33 -6.96
C THR B 48 -2.22 16.74 -5.95
N CYS B 49 -2.18 16.14 -4.76
CA CYS B 49 -2.99 16.58 -3.63
C CYS B 49 -4.51 16.63 -3.88
N VAL B 50 -5.02 15.70 -4.70
CA VAL B 50 -6.45 15.61 -4.99
C VAL B 50 -7.18 14.83 -3.90
N GLY B 51 -8.24 15.44 -3.37
CA GLY B 51 -9.15 14.79 -2.41
C GLY B 51 -10.56 15.36 -2.56
N VAL B 52 -11.55 14.72 -1.93
CA VAL B 52 -12.93 15.07 -2.14
C VAL B 52 -13.89 14.70 -0.99
N MET B 53 -14.92 15.52 -0.85
CA MET B 53 -16.01 15.30 0.11
CA MET B 53 -16.01 15.31 0.11
C MET B 53 -17.33 15.71 -0.55
N ALA B 54 -18.43 15.09 -0.11
CA ALA B 54 -19.73 15.34 -0.73
C ALA B 54 -20.82 15.68 0.26
N ASN B 55 -21.91 16.20 -0.30
CA ASN B 55 -23.13 16.55 0.41
C ASN B 55 -24.28 16.59 -0.61
N ASP B 56 -25.48 16.96 -0.19
CA ASP B 56 -26.54 17.16 -1.16
C ASP B 56 -26.78 15.87 -1.94
N VAL B 57 -26.89 14.76 -1.22
CA VAL B 57 -27.12 13.45 -1.84
C VAL B 57 -28.51 13.41 -2.46
N ASN B 58 -28.55 13.37 -3.78
CA ASN B 58 -29.81 13.20 -4.48
C ASN B 58 -30.01 11.73 -4.85
N GLU B 59 -30.98 11.06 -4.21
CA GLU B 59 -31.24 9.64 -4.48
C GLU B 59 -31.78 9.44 -5.88
N ASP B 60 -32.72 10.27 -6.26
CA ASP B 60 -33.35 10.15 -7.58
C ASP B 60 -32.33 10.17 -8.70
N GLU B 61 -31.50 11.20 -8.72
CA GLU B 61 -30.50 11.33 -9.76
C GLU B 61 -29.31 10.37 -9.55
N LYS B 62 -29.06 9.96 -8.31
CA LYS B 62 -27.80 9.25 -7.96
C LYS B 62 -26.59 10.19 -8.15
N SER B 63 -26.71 11.38 -7.60
CA SER B 63 -25.68 12.38 -7.76
C SER B 63 -25.37 12.99 -6.44
N ILE B 64 -24.26 13.71 -6.38
CA ILE B 64 -23.90 14.47 -5.19
C ILE B 64 -23.24 15.76 -5.64
N GLN B 65 -23.16 16.75 -4.74
CA GLN B 65 -22.30 17.93 -4.97
C GLN B 65 -20.97 17.68 -4.28
N ALA B 66 -19.91 17.63 -5.07
CA ALA B 66 -18.59 17.27 -4.61
C ALA B 66 -17.75 18.52 -4.39
N GLU B 67 -17.00 18.52 -3.28
CA GLU B 67 -16.08 19.60 -2.94
C GLU B 67 -14.65 19.10 -2.90
N PHE B 68 -13.81 19.64 -3.78
CA PHE B 68 -12.48 19.12 -3.98
C PHE B 68 -11.40 20.02 -3.39
N LEU B 69 -10.26 19.41 -3.02
CA LEU B 69 -9.00 20.15 -2.96
C LEU B 69 -8.04 19.48 -3.93
N PHE B 70 -7.07 20.25 -4.42
CA PHE B 70 -6.16 19.80 -5.46
C PHE B 70 -5.13 20.83 -5.79
N MET B 71 -4.02 20.37 -6.35
CA MET B 71 -2.94 21.20 -6.78
C MET B 71 -2.59 20.85 -8.20
N ASN B 72 -2.32 21.87 -9.00
CA ASN B 72 -1.86 21.66 -10.35
C ASN B 72 -1.07 22.89 -10.82
N ASN B 73 -0.51 22.82 -12.02
CA ASN B 73 0.41 23.84 -12.48
C ASN B 73 -0.24 25.20 -12.69
N ALA B 74 -1.56 25.28 -12.53
CA ALA B 74 -2.27 26.52 -12.70
C ALA B 74 -2.01 27.47 -11.55
N ASP B 75 -1.57 26.94 -10.42
CA ASP B 75 -1.35 27.73 -9.21
C ASP B 75 -0.37 27.05 -8.23
N THR B 76 0.34 27.87 -7.46
CA THR B 76 1.35 27.37 -6.53
C THR B 76 0.73 26.84 -5.22
N ASN B 77 -0.47 27.32 -4.90
CA ASN B 77 -1.16 26.95 -3.66
C ASN B 77 -2.32 25.96 -3.89
N MET B 78 -2.82 25.37 -2.80
CA MET B 78 -3.95 24.45 -2.84
CA MET B 78 -3.95 24.46 -2.85
C MET B 78 -5.19 25.14 -3.41
N GLN B 79 -5.81 24.52 -4.41
CA GLN B 79 -7.06 25.04 -4.98
C GLN B 79 -8.28 24.29 -4.44
N PHE B 80 -9.44 24.91 -4.58
CA PHE B 80 -10.71 24.33 -4.15
C PHE B 80 -11.77 24.59 -5.20
N ALA B 81 -12.74 23.67 -5.30
CA ALA B 81 -13.76 23.70 -6.34
C ALA B 81 -14.91 22.75 -6.04
N THR B 82 -16.10 23.08 -6.51
CA THR B 82 -17.30 22.25 -6.31
C THR B 82 -17.91 21.87 -7.66
N GLU B 83 -17.97 20.58 -7.91
CA GLU B 83 -18.65 20.09 -9.10
C GLU B 83 -19.57 18.93 -8.75
N LYS B 84 -20.47 18.65 -9.69
CA LYS B 84 -21.46 17.62 -9.52
C LYS B 84 -20.89 16.28 -9.98
N VAL B 85 -21.20 15.22 -9.24
CA VAL B 85 -20.79 13.89 -9.71
C VAL B 85 -21.97 12.95 -9.68
N THR B 86 -22.15 12.22 -10.77
CA THR B 86 -23.31 11.34 -10.92
C THR B 86 -22.87 9.91 -11.18
N ALA B 87 -23.45 8.98 -10.46
CA ALA B 87 -23.21 7.54 -10.70
C ALA B 87 -23.91 7.09 -11.97
N VAL B 88 -23.15 6.70 -12.99
CA VAL B 88 -23.73 6.24 -14.25
C VAL B 88 -23.20 4.86 -14.62
N LYS B 89 -23.76 4.31 -15.70
CA LYS B 89 -23.37 2.98 -16.23
C LYS B 89 -22.47 3.12 -17.44
N MET B 90 -21.44 2.27 -17.53
CA MET B 90 -20.52 2.22 -18.64
C MET B 90 -20.23 0.74 -18.95
N TYR B 91 -19.91 0.45 -20.20
CA TYR B 91 -19.48 -0.88 -20.63
C TYR B 91 -20.57 -1.93 -20.50
N GLY B 92 -21.82 -1.53 -20.67
CA GLY B 92 -22.91 -2.48 -20.76
C GLY B 92 -23.28 -3.10 -19.44
N TYR B 93 -23.17 -2.31 -18.37
CA TYR B 93 -23.52 -2.71 -17.01
C TYR B 93 -24.98 -2.46 -16.72
N ASN B 94 -25.57 -3.33 -15.88
CA ASN B 94 -26.95 -3.18 -15.43
C ASN B 94 -27.03 -2.23 -14.26
N ARG B 95 -25.96 -2.15 -13.47
CA ARG B 95 -25.91 -1.30 -12.29
C ARG B 95 -24.73 -0.33 -12.31
N GLU B 96 -25.02 0.92 -12.05
CA GLU B 96 -24.05 1.96 -12.33
C GLU B 96 -22.75 1.61 -11.66
N ASN B 97 -21.70 1.69 -12.46
CA ASN B 97 -20.34 1.41 -12.07
C ASN B 97 -19.34 2.52 -12.48
N ALA B 98 -19.83 3.77 -12.69
CA ALA B 98 -18.98 4.86 -13.19
C ALA B 98 -19.25 6.23 -12.59
N PHE B 99 -18.24 7.10 -12.67
CA PHE B 99 -18.32 8.42 -12.08
C PHE B 99 -18.35 9.43 -13.21
N ARG B 100 -19.45 10.14 -13.31
CA ARG B 100 -19.65 11.18 -14.31
C ARG B 100 -19.46 12.56 -13.69
N TYR B 101 -18.29 13.14 -13.88
CA TYR B 101 -18.07 14.48 -13.37
C TYR B 101 -18.72 15.50 -14.33
N GLU B 102 -19.52 16.43 -13.81
CA GLU B 102 -20.04 17.53 -14.62
C GLU B 102 -19.65 18.91 -14.08
N THR B 103 -19.06 19.73 -14.94
CA THR B 103 -18.76 21.12 -14.62
C THR B 103 -20.02 22.00 -14.81
N GLU B 104 -19.92 23.25 -14.37
CA GLU B 104 -21.04 24.21 -14.36
C GLU B 104 -21.64 24.47 -15.74
N ASP B 105 -20.80 24.61 -16.75
CA ASP B 105 -21.27 24.84 -18.11
C ASP B 105 -21.44 23.54 -18.91
N GLY B 106 -21.52 22.42 -18.19
CA GLY B 106 -22.01 21.18 -18.79
C GLY B 106 -20.98 20.33 -19.50
N GLN B 107 -19.70 20.58 -19.22
CA GLN B 107 -18.67 19.66 -19.67
C GLN B 107 -18.79 18.39 -18.82
N VAL B 108 -18.65 17.25 -19.49
CA VAL B 108 -18.85 15.96 -18.84
C VAL B 108 -17.59 15.13 -19.03
N PHE B 109 -17.30 14.30 -18.04
CA PHE B 109 -16.09 13.47 -18.04
C PHE B 109 -16.39 12.21 -17.21
N THR B 110 -16.21 11.04 -17.79
CA THR B 110 -16.67 9.82 -17.14
C THR B 110 -15.50 8.85 -16.95
N ASP B 111 -15.23 8.54 -15.70
CA ASP B 111 -14.27 7.51 -15.30
C ASP B 111 -15.03 6.32 -14.73
N VAL B 112 -14.47 5.11 -14.86
CA VAL B 112 -15.15 3.91 -14.41
C VAL B 112 -14.56 3.30 -13.11
N ILE B 113 -15.41 2.75 -12.25
CA ILE B 113 -14.96 2.05 -11.06
C ILE B 113 -14.52 0.64 -11.42
N ALA B 114 -13.21 0.37 -11.33
CA ALA B 114 -12.65 -0.96 -11.61
C ALA B 114 -12.79 -1.90 -10.40
N TYR B 115 -12.56 -1.38 -9.20
CA TYR B 115 -12.70 -2.16 -7.99
C TYR B 115 -12.92 -1.22 -6.85
N SER B 116 -13.73 -1.65 -5.89
CA SER B 116 -14.07 -0.83 -4.74
C SER B 116 -14.45 -1.64 -3.50
N ASP B 117 -14.02 -1.13 -2.35
CA ASP B 117 -14.37 -1.65 -1.04
C ASP B 117 -14.85 -0.45 -0.20
N ASP B 118 -15.25 -0.68 1.04
CA ASP B 118 -15.87 0.35 1.86
C ASP B 118 -14.99 1.59 2.10
N ASN B 119 -13.69 1.48 1.87
CA ASN B 119 -12.77 2.58 2.18
C ASN B 119 -11.73 2.83 1.12
N CYS B 120 -11.96 2.33 -0.09
CA CYS B 120 -11.04 2.59 -1.16
C CYS B 120 -11.70 2.37 -2.52
N ASP B 121 -11.06 2.87 -3.57
CA ASP B 121 -11.58 2.74 -4.92
C ASP B 121 -10.40 2.71 -5.84
N VAL B 122 -10.50 1.91 -6.90
CA VAL B 122 -9.60 1.92 -8.02
C VAL B 122 -10.41 2.42 -9.24
N ILE B 123 -9.94 3.50 -9.87
CA ILE B 123 -10.72 4.19 -10.89
C ILE B 123 -9.88 4.24 -12.14
N TYR B 124 -10.51 3.93 -13.26
CA TYR B 124 -9.86 3.85 -14.56
C TYR B 124 -10.25 5.08 -15.34
N VAL B 125 -9.29 5.69 -16.01
CA VAL B 125 -9.52 6.90 -16.77
C VAL B 125 -9.31 6.53 -18.23
N PRO B 126 -10.41 6.35 -18.98
CA PRO B 126 -10.35 5.82 -20.36
C PRO B 126 -9.48 6.61 -21.36
N GLY B 127 -9.28 7.90 -21.13
CA GLY B 127 -8.42 8.65 -22.05
C GLY B 127 -8.98 8.73 -23.46
N THR B 128 -10.15 9.35 -23.56
CA THR B 128 -10.80 9.64 -24.82
C THR B 128 -10.51 11.11 -25.20
N ASP B 129 -10.81 11.44 -26.46
CA ASP B 129 -10.59 12.78 -26.98
C ASP B 129 -9.15 13.26 -26.74
N GLY B 130 -8.19 12.34 -26.80
CA GLY B 130 -6.77 12.68 -26.73
C GLY B 130 -6.18 12.89 -25.33
N ASN B 131 -6.98 12.65 -24.30
CA ASN B 131 -6.51 12.71 -22.92
C ASN B 131 -5.84 11.39 -22.51
N GLU B 132 -5.05 11.46 -21.46
CA GLU B 132 -4.25 10.32 -21.03
C GLU B 132 -5.10 9.20 -20.45
N GLU B 133 -4.80 7.97 -20.85
CA GLU B 133 -5.40 6.79 -20.22
C GLU B 133 -4.62 6.42 -18.97
N GLY B 134 -5.31 6.09 -17.89
CA GLY B 134 -4.63 5.55 -16.72
C GLY B 134 -5.51 5.14 -15.56
N TYR B 135 -4.85 4.94 -14.40
CA TYR B 135 -5.52 4.45 -13.21
C TYR B 135 -5.32 5.38 -12.00
N GLU B 136 -6.37 5.52 -11.19
CA GLU B 136 -6.33 6.25 -9.93
C GLU B 136 -6.61 5.31 -8.75
N LEU B 137 -6.05 5.63 -7.58
CA LEU B 137 -6.32 4.90 -6.34
C LEU B 137 -6.74 5.86 -5.24
N TRP B 138 -7.88 5.57 -4.61
CA TRP B 138 -8.43 6.47 -3.61
C TRP B 138 -8.61 5.79 -2.27
N THR B 139 -8.47 6.54 -1.19
CA THR B 139 -8.75 5.97 0.10
C THR B 139 -9.21 7.00 1.10
N THR B 140 -9.76 6.52 2.24
CA THR B 140 -10.23 7.41 3.29
C THR B 140 -9.14 7.82 4.29
N ASP B 141 -7.87 7.45 4.05
CA ASP B 141 -6.75 7.84 4.92
C ASP B 141 -5.48 7.77 4.08
N TYR B 142 -4.94 8.90 3.66
CA TYR B 142 -3.77 8.88 2.81
C TYR B 142 -2.55 8.22 3.50
N ASP B 143 -2.59 8.07 4.83
CA ASP B 143 -1.49 7.42 5.52
C ASP B 143 -1.56 5.88 5.51
N ASN B 144 -2.74 5.33 5.19
CA ASN B 144 -2.96 3.86 5.19
C ASN B 144 -3.77 3.35 3.98
N ILE B 145 -3.05 2.75 3.03
CA ILE B 145 -3.61 2.22 1.80
C ILE B 145 -4.08 0.77 1.99
N PRO B 146 -5.40 0.52 1.86
CA PRO B 146 -5.88 -0.87 2.05
C PRO B 146 -5.33 -1.80 1.01
N ALA B 147 -4.87 -2.99 1.44
CA ALA B 147 -4.21 -3.97 0.59
C ALA B 147 -5.02 -4.44 -0.61
N ASN B 148 -6.33 -4.64 -0.47
CA ASN B 148 -7.10 -5.20 -1.60
C ASN B 148 -7.18 -4.21 -2.79
N CYS B 149 -7.51 -2.96 -2.51
CA CYS B 149 -7.52 -1.94 -3.59
C CYS B 149 -6.17 -1.84 -4.23
N LEU B 150 -5.15 -1.87 -3.37
CA LEU B 150 -3.74 -1.74 -3.80
C LEU B 150 -3.34 -2.87 -4.71
N ASN B 151 -3.57 -4.09 -4.29
CA ASN B 151 -3.36 -5.27 -5.16
C ASN B 151 -4.09 -5.14 -6.48
N LYS B 152 -5.36 -4.75 -6.43
CA LYS B 152 -6.12 -4.53 -7.67
C LYS B 152 -5.54 -3.38 -8.52
N PHE B 153 -5.26 -2.24 -7.90
CA PHE B 153 -4.66 -1.10 -8.61
C PHE B 153 -3.40 -1.54 -9.37
N ASN B 154 -2.53 -2.30 -8.71
CA ASN B 154 -1.31 -2.77 -9.36
C ASN B 154 -1.52 -3.81 -10.44
N GLU B 155 -2.48 -4.71 -10.27
CA GLU B 155 -2.79 -5.70 -11.30
C GLU B 155 -3.22 -4.98 -12.54
N TYR B 156 -4.29 -4.18 -12.42
CA TYR B 156 -4.86 -3.48 -13.58
C TYR B 156 -3.93 -2.40 -14.17
N ALA B 157 -3.08 -1.79 -13.36
CA ALA B 157 -2.14 -0.79 -13.87
C ALA B 157 -0.84 -1.45 -14.36
N VAL B 158 -0.87 -2.75 -14.65
CA VAL B 158 0.34 -3.44 -15.07
C VAL B 158 0.96 -2.70 -16.25
N GLY B 159 2.28 -2.54 -16.21
CA GLY B 159 3.02 -1.92 -17.30
C GLY B 159 3.16 -0.41 -17.21
N ARG B 160 2.49 0.19 -16.23
CA ARG B 160 2.48 1.65 -16.09
C ARG B 160 3.23 2.05 -14.81
N GLU B 161 4.05 3.08 -14.94
CA GLU B 161 4.76 3.61 -13.81
C GLU B 161 3.84 4.52 -13.00
N THR B 162 3.72 4.23 -11.70
CA THR B 162 2.86 4.96 -10.80
C THR B 162 3.64 6.10 -10.13
N ARG B 163 2.90 7.01 -9.48
CA ARG B 163 3.49 8.15 -8.80
C ARG B 163 2.54 8.54 -7.67
N ASP B 164 3.06 9.23 -6.66
CA ASP B 164 2.20 9.65 -5.54
C ASP B 164 1.42 10.91 -5.89
N VAL B 165 0.24 11.04 -5.29
CA VAL B 165 -0.64 12.18 -5.57
C VAL B 165 -1.00 12.99 -4.33
N PHE B 166 -1.77 12.39 -3.44
CA PHE B 166 -2.02 12.98 -2.12
C PHE B 166 -1.17 12.26 -1.03
N THR B 167 -0.16 12.95 -0.53
CA THR B 167 0.65 12.48 0.58
C THR B 167 0.43 13.43 1.73
N SER B 168 1.08 13.15 2.85
CA SER B 168 0.96 14.01 4.05
C SER B 168 1.50 15.44 3.85
N ALA B 169 2.45 15.62 2.94
CA ALA B 169 2.97 16.97 2.66
C ALA B 169 1.86 17.92 2.19
N CYS B 170 0.89 17.40 1.45
CA CYS B 170 -0.20 18.23 0.96
C CYS B 170 -0.75 19.13 2.04
N LEU B 171 -0.95 18.58 3.23
CA LEU B 171 -1.51 19.34 4.35
C LEU B 171 -0.42 19.82 5.33
N GLU B 172 0.82 19.87 4.85
CA GLU B 172 2.02 20.02 5.70
C GLU B 172 2.04 18.99 6.84
#